data_3PXH
#
_entry.id   3PXH
#
_cell.length_a   77.450
_cell.length_b   77.450
_cell.length_c   68.499
_cell.angle_alpha   90.000
_cell.angle_beta   90.000
_cell.angle_gamma   120.000
#
_symmetry.space_group_name_H-M   'P 32 2 1'
#
loop_
_entity.id
_entity.type
_entity.pdbx_description
1 polymer 'Receptor-type tyrosine-protein phosphatase F'
2 non-polymer 'SULFATE ION'
3 water water
#
_entity_poly.entity_id   1
_entity_poly.type   'polypeptide(L)'
_entity_poly.pdbx_seq_one_letter_code
;GPGSDSKPVFVKVPEDQTGLSGGVASFVCQATGEPKPRITWMKKGKKVSSQRFEVIEFDDGAGSVLRIQPLRVQRDEAIY
ECTATNSLGEINTSAKLSVLEEDQLPSGFPTIDMGPQLKVVEKGRTATMLCAAGGNPDPEISWFKDFLPVDPAASNGRIK
QLRSGALQIESSEESDQGKYECVATNSAGTRYSAPANLYVR
;
_entity_poly.pdbx_strand_id   A
#
loop_
_chem_comp.id
_chem_comp.type
_chem_comp.name
_chem_comp.formula
SO4 non-polymer 'SULFATE ION' 'O4 S -2'
#
# COMPACT_ATOMS: atom_id res chain seq x y z
N ASP A 5 24.69 17.24 0.21
CA ASP A 5 23.39 17.74 -0.18
C ASP A 5 23.05 17.30 -1.57
N SER A 6 21.87 16.74 -1.75
CA SER A 6 21.39 16.36 -3.07
C SER A 6 19.91 16.69 -3.17
N LYS A 7 19.47 16.88 -4.39
CA LYS A 7 18.10 17.20 -4.65
C LYS A 7 17.32 15.92 -4.47
N PRO A 8 16.02 16.00 -4.34
CA PRO A 8 15.25 14.79 -4.10
C PRO A 8 15.25 13.84 -5.28
N VAL A 9 15.27 12.57 -5.04
CA VAL A 9 15.00 11.66 -6.11
C VAL A 9 14.07 10.56 -5.66
N PHE A 10 13.11 10.22 -6.49
CA PHE A 10 12.10 9.29 -6.10
C PHE A 10 12.65 7.90 -5.92
N VAL A 11 12.28 7.24 -4.85
CA VAL A 11 12.62 5.87 -4.69
C VAL A 11 11.41 4.97 -4.82
N LYS A 12 10.24 5.53 -4.56
CA LYS A 12 8.98 4.86 -4.81
C LYS A 12 8.09 5.82 -5.55
N VAL A 13 7.57 5.37 -6.66
CA VAL A 13 6.73 6.18 -7.49
C VAL A 13 5.38 5.54 -7.57
N PRO A 14 4.33 6.30 -7.35
CA PRO A 14 3.00 5.73 -7.40
C PRO A 14 2.55 5.35 -8.80
N GLU A 15 2.10 4.14 -8.96
CA GLU A 15 1.53 3.67 -10.19
C GLU A 15 0.07 3.98 -10.41
N ASP A 16 -0.38 3.96 -11.66
CA ASP A 16 -1.76 4.15 -11.98
C ASP A 16 -2.48 2.95 -11.39
N GLN A 17 -3.69 3.14 -10.89
CA GLN A 17 -4.39 2.07 -10.21
C GLN A 17 -5.84 2.02 -10.56
N THR A 18 -6.38 0.82 -10.61
CA THR A 18 -7.80 0.60 -10.81
C THR A 18 -8.33 -0.23 -9.68
N GLY A 19 -9.33 0.34 -9.02
CA GLY A 19 -9.87 -0.16 -7.78
C GLY A 19 -11.36 -0.41 -7.84
N LEU A 20 -11.90 -0.92 -6.77
CA LEU A 20 -13.27 -1.36 -6.78
C LEU A 20 -14.07 -0.60 -5.73
N SER A 21 -15.24 -0.14 -6.09
CA SER A 21 -15.95 0.74 -5.22
C SER A 21 -16.28 0.05 -3.89
N GLY A 22 -16.17 0.80 -2.81
CA GLY A 22 -16.31 0.27 -1.47
C GLY A 22 -15.00 -0.24 -0.99
N GLY A 23 -14.06 -0.30 -1.90
CA GLY A 23 -12.73 -0.80 -1.63
C GLY A 23 -11.74 0.21 -1.14
N VAL A 24 -10.49 -0.17 -1.24
CA VAL A 24 -9.36 0.61 -0.82
C VAL A 24 -8.35 0.86 -1.96
N ALA A 25 -7.79 2.05 -2.03
CA ALA A 25 -6.63 2.34 -2.86
C ALA A 25 -5.56 3.04 -2.09
N SER A 26 -4.33 2.59 -2.21
CA SER A 26 -3.21 3.28 -1.64
C SER A 26 -2.21 3.68 -2.70
N PHE A 27 -1.76 4.92 -2.61
CA PHE A 27 -0.67 5.42 -3.40
C PHE A 27 0.49 5.67 -2.50
N VAL A 28 1.65 5.16 -2.87
CA VAL A 28 2.85 5.31 -2.09
C VAL A 28 3.90 6.12 -2.84
N CYS A 29 4.45 7.13 -2.13
CA CYS A 29 5.52 7.85 -2.77
C CYS A 29 6.57 8.09 -1.72
N GLN A 30 7.76 7.76 -2.25
CA GLN A 30 8.91 7.95 -1.41
C GLN A 30 10.10 8.53 -2.15
N ALA A 31 10.83 9.41 -1.49
CA ALA A 31 12.00 10.06 -2.06
C ALA A 31 13.17 10.07 -1.08
N THR A 32 14.38 10.20 -1.61
CA THR A 32 15.58 10.39 -0.81
C THR A 32 16.18 11.70 -1.19
N GLY A 33 16.84 12.33 -0.25
CA GLY A 33 17.55 13.57 -0.47
C GLY A 33 18.37 13.85 0.75
N GLU A 34 19.24 14.83 0.68
CA GLU A 34 19.83 15.41 1.86
C GLU A 34 19.81 16.90 1.63
N PRO A 35 18.99 17.65 2.36
CA PRO A 35 18.23 17.19 3.51
C PRO A 35 17.11 16.28 3.11
N LYS A 36 16.55 15.59 4.09
CA LYS A 36 15.46 14.70 3.81
C LYS A 36 14.33 15.51 3.25
N PRO A 37 13.78 15.03 2.16
CA PRO A 37 12.67 15.65 1.49
C PRO A 37 11.34 15.49 2.21
N ARG A 38 10.38 16.33 1.91
CA ARG A 38 9.03 16.21 2.44
C ARG A 38 8.06 15.84 1.33
N ILE A 39 7.28 14.78 1.53
CA ILE A 39 6.24 14.38 0.59
C ILE A 39 4.91 15.09 0.80
N THR A 40 4.28 15.47 -0.29
CA THR A 40 3.05 16.23 -0.28
C THR A 40 2.11 15.70 -1.38
N TRP A 41 0.81 15.72 -1.15
CA TRP A 41 -0.19 15.16 -2.05
C TRP A 41 -1.20 16.18 -2.52
N MET A 42 -1.57 16.10 -3.77
CA MET A 42 -2.61 16.95 -4.32
C MET A 42 -3.51 16.17 -5.20
N LYS A 43 -4.78 16.44 -5.14
CA LYS A 43 -5.70 15.91 -6.10
C LYS A 43 -6.10 17.07 -6.98
N LYS A 44 -5.74 17.05 -8.23
CA LYS A 44 -6.12 18.14 -9.12
C LYS A 44 -5.74 19.52 -8.57
N GLY A 45 -4.53 19.64 -8.03
CA GLY A 45 -4.01 20.92 -7.59
C GLY A 45 -4.52 21.40 -6.26
N LYS A 46 -5.23 20.55 -5.55
CA LYS A 46 -5.87 20.90 -4.30
C LYS A 46 -5.43 19.97 -3.20
N LYS A 47 -5.19 20.52 -2.02
CA LYS A 47 -4.84 19.72 -0.85
C LYS A 47 -5.98 18.80 -0.51
N VAL A 48 -5.70 17.55 -0.15
CA VAL A 48 -6.76 16.56 -0.01
C VAL A 48 -7.59 16.62 1.30
N SER A 49 -8.93 16.59 1.19
CA SER A 49 -9.80 16.64 2.39
C SER A 49 -11.04 15.73 2.38
N SER A 50 -11.03 14.69 3.22
CA SER A 50 -12.19 13.88 3.38
C SER A 50 -12.15 12.97 4.59
N GLN A 51 -13.32 12.54 5.03
CA GLN A 51 -13.41 11.49 6.01
C GLN A 51 -12.93 10.20 5.40
N ARG A 52 -12.95 10.13 4.06
CA ARG A 52 -12.57 8.93 3.37
C ARG A 52 -11.13 8.88 2.83
N PHE A 53 -10.29 9.84 3.20
CA PHE A 53 -8.89 9.93 2.80
C PHE A 53 -8.00 10.06 4.02
N GLU A 54 -6.89 9.37 4.03
CA GLU A 54 -5.91 9.52 5.07
C GLU A 54 -4.52 9.57 4.45
N VAL A 55 -3.66 10.40 5.00
CA VAL A 55 -2.26 10.40 4.61
C VAL A 55 -1.42 9.92 5.76
N ILE A 56 -0.63 8.88 5.52
CA ILE A 56 0.24 8.33 6.52
C ILE A 56 1.69 8.44 6.15
N GLU A 57 2.46 9.18 6.90
CA GLU A 57 3.89 9.29 6.66
C GLU A 57 4.74 8.14 7.17
N PHE A 58 5.89 7.96 6.56
CA PHE A 58 6.91 7.04 7.02
C PHE A 58 8.28 7.58 6.65
N ASP A 59 9.34 6.98 7.15
CA ASP A 59 10.67 7.44 6.85
C ASP A 59 10.82 8.88 7.27
N ASP A 60 10.17 9.26 8.35
CA ASP A 60 10.24 10.62 8.80
C ASP A 60 9.77 11.64 7.80
N GLY A 61 8.70 11.35 7.10
CA GLY A 61 8.14 12.28 6.15
C GLY A 61 8.66 12.20 4.74
N ALA A 62 9.75 11.45 4.56
CA ALA A 62 10.30 11.14 3.27
C ALA A 62 9.50 10.12 2.51
N GLY A 63 8.60 9.44 3.20
CA GLY A 63 7.72 8.48 2.61
C GLY A 63 6.32 8.89 2.96
N SER A 64 5.37 8.68 2.08
CA SER A 64 4.00 8.97 2.37
C SER A 64 3.03 8.06 1.67
N VAL A 65 1.93 7.72 2.31
CA VAL A 65 0.86 6.97 1.71
C VAL A 65 -0.43 7.74 1.68
N LEU A 66 -1.09 7.80 0.56
CA LEU A 66 -2.43 8.31 0.51
C LEU A 66 -3.37 7.13 0.43
N ARG A 67 -4.24 6.98 1.40
CA ARG A 67 -5.18 5.89 1.43
C ARG A 67 -6.59 6.40 1.27
N ILE A 68 -7.31 5.85 0.32
CA ILE A 68 -8.69 6.19 0.13
C ILE A 68 -9.54 4.98 0.43
N GLN A 69 -10.49 5.12 1.33
CA GLN A 69 -11.42 4.05 1.62
C GLN A 69 -12.63 4.66 2.26
N PRO A 70 -13.83 4.28 1.89
CA PRO A 70 -14.16 3.49 0.74
C PRO A 70 -14.06 4.26 -0.58
N LEU A 71 -13.61 3.59 -1.63
CA LEU A 71 -13.56 4.19 -2.93
C LEU A 71 -14.94 4.49 -3.40
N ARG A 72 -15.15 5.67 -3.94
CA ARG A 72 -16.40 6.11 -4.48
C ARG A 72 -16.18 6.56 -5.90
N VAL A 73 -16.94 6.03 -6.83
CA VAL A 73 -16.57 6.17 -8.22
C VAL A 73 -16.53 7.57 -8.77
N GLN A 74 -17.61 8.32 -8.71
CA GLN A 74 -17.49 9.66 -9.25
C GLN A 74 -16.54 10.56 -8.52
N ARG A 75 -16.54 10.51 -7.22
CA ARG A 75 -15.67 11.35 -6.48
C ARG A 75 -14.20 11.08 -6.58
N ASP A 76 -13.81 9.82 -6.56
CA ASP A 76 -12.43 9.53 -6.44
C ASP A 76 -11.65 9.35 -7.75
N GLU A 77 -12.33 9.23 -8.87
CA GLU A 77 -11.64 8.98 -10.11
C GLU A 77 -11.03 10.29 -10.56
N ALA A 78 -9.71 10.35 -10.47
CA ALA A 78 -8.96 11.56 -10.69
C ALA A 78 -7.47 11.26 -10.79
N ILE A 79 -6.69 12.31 -10.98
CA ILE A 79 -5.26 12.23 -11.01
C ILE A 79 -4.72 12.78 -9.73
N TYR A 80 -3.87 12.04 -9.07
CA TYR A 80 -3.29 12.42 -7.80
C TYR A 80 -1.77 12.68 -7.93
N GLU A 81 -1.30 13.78 -7.39
CA GLU A 81 0.09 14.16 -7.56
C GLU A 81 0.96 14.14 -6.28
N CYS A 82 2.04 13.50 -6.32
CA CYS A 82 3.01 13.53 -5.20
C CYS A 82 4.10 14.50 -5.55
N THR A 83 4.44 15.22 -4.55
CA THR A 83 5.51 16.17 -4.65
C THR A 83 6.51 15.93 -3.54
N ALA A 84 7.78 15.86 -3.86
CA ALA A 84 8.82 15.73 -2.86
C ALA A 84 9.72 16.94 -2.90
N THR A 85 9.85 17.63 -1.79
CA THR A 85 10.71 18.79 -1.76
C THR A 85 11.68 18.85 -0.59
N ASN A 86 12.84 19.43 -0.87
CA ASN A 86 13.81 19.90 0.10
C ASN A 86 14.35 21.22 -0.33
N SER A 87 15.28 21.77 0.42
CA SER A 87 15.78 23.11 0.19
C SER A 87 16.45 23.26 -1.17
N LEU A 88 17.11 22.21 -1.62
CA LEU A 88 17.69 22.14 -2.95
C LEU A 88 16.76 22.08 -4.15
N GLY A 89 15.71 21.30 -4.06
CA GLY A 89 14.81 21.09 -5.19
C GLY A 89 13.41 20.58 -4.92
N GLU A 90 12.56 20.63 -5.93
CA GLU A 90 11.23 20.07 -5.92
C GLU A 90 11.03 19.10 -7.08
N ILE A 91 10.53 17.91 -6.82
CA ILE A 91 10.13 17.00 -7.88
C ILE A 91 8.67 16.52 -7.69
N ASN A 92 7.99 16.15 -8.76
CA ASN A 92 6.63 15.61 -8.73
C ASN A 92 6.41 14.47 -9.70
N THR A 93 5.37 13.71 -9.43
CA THR A 93 4.94 12.63 -10.26
C THR A 93 3.46 12.39 -9.97
N SER A 94 2.72 11.87 -10.94
CA SER A 94 1.29 11.75 -10.87
C SER A 94 0.84 10.36 -11.17
N ALA A 95 -0.35 10.03 -10.74
CA ALA A 95 -0.94 8.74 -11.02
C ALA A 95 -2.42 8.86 -11.14
N LYS A 96 -3.00 8.01 -11.96
CA LYS A 96 -4.40 8.03 -12.26
C LYS A 96 -5.12 6.97 -11.46
N LEU A 97 -6.28 7.32 -10.95
CA LEU A 97 -7.12 6.38 -10.23
C LEU A 97 -8.41 6.19 -10.92
N SER A 98 -8.74 4.94 -11.09
CA SER A 98 -9.95 4.54 -11.73
C SER A 98 -10.71 3.67 -10.75
N VAL A 99 -11.99 3.87 -10.66
CA VAL A 99 -12.82 3.03 -9.80
C VAL A 99 -13.94 2.36 -10.55
N LEU A 100 -13.99 1.07 -10.48
CA LEU A 100 -15.03 0.27 -11.11
C LEU A 100 -16.09 -0.18 -10.14
N GLU A 101 -17.29 -0.36 -10.63
CA GLU A 101 -18.38 -0.94 -9.87
C GLU A 101 -18.32 -2.40 -10.01
N GLU A 102 -19.31 -3.10 -9.51
CA GLU A 102 -19.44 -4.51 -9.80
C GLU A 102 -19.74 -4.75 -11.26
N ASP A 103 -20.67 -3.94 -11.74
CA ASP A 103 -21.35 -4.12 -12.99
C ASP A 103 -20.30 -4.08 -14.04
N GLN A 104 -19.23 -3.35 -13.75
CA GLN A 104 -18.15 -3.11 -14.68
C GLN A 104 -16.93 -3.95 -14.45
N LEU A 105 -17.02 -4.98 -13.61
CA LEU A 105 -15.83 -5.77 -13.25
C LEU A 105 -15.45 -6.82 -14.27
N PRO A 106 -14.32 -6.60 -14.91
CA PRO A 106 -13.86 -7.49 -15.96
C PRO A 106 -13.54 -8.85 -15.42
N SER A 107 -13.69 -9.87 -16.23
CA SER A 107 -13.35 -11.19 -15.80
C SER A 107 -11.87 -11.20 -15.58
N GLY A 108 -11.41 -11.92 -14.60
CA GLY A 108 -10.00 -11.94 -14.27
C GLY A 108 -9.50 -10.85 -13.36
N PHE A 109 -10.35 -9.91 -12.98
CA PHE A 109 -10.06 -8.96 -11.93
C PHE A 109 -9.76 -9.82 -10.74
N PRO A 110 -8.77 -9.44 -9.96
CA PRO A 110 -8.27 -10.30 -8.91
C PRO A 110 -9.30 -10.61 -7.83
N THR A 111 -9.09 -11.71 -7.15
CA THR A 111 -9.97 -12.18 -6.13
C THR A 111 -9.13 -12.65 -4.99
N ILE A 112 -9.61 -12.50 -3.76
CA ILE A 112 -8.88 -13.04 -2.63
C ILE A 112 -9.58 -14.31 -2.33
N ASP A 113 -8.97 -15.41 -2.69
CA ASP A 113 -9.48 -16.72 -2.42
C ASP A 113 -9.43 -17.19 -0.98
N MET A 114 -8.29 -17.06 -0.34
CA MET A 114 -8.20 -17.24 1.09
C MET A 114 -7.37 -16.13 1.70
N GLY A 115 -8.02 -15.21 2.40
CA GLY A 115 -7.37 -14.09 3.05
C GLY A 115 -6.66 -14.42 4.33
N PRO A 116 -5.85 -13.52 4.83
CA PRO A 116 -5.13 -13.79 6.06
C PRO A 116 -6.05 -13.78 7.27
N GLN A 117 -5.59 -14.43 8.33
CA GLN A 117 -6.41 -14.70 9.49
C GLN A 117 -5.73 -14.25 10.75
N LEU A 118 -6.53 -14.10 11.79
CA LEU A 118 -6.08 -13.57 13.06
C LEU A 118 -5.02 -14.50 13.49
N LYS A 119 -3.93 -13.98 13.98
CA LYS A 119 -2.88 -14.83 14.48
C LYS A 119 -2.24 -14.27 15.71
N VAL A 120 -1.95 -15.13 16.67
CA VAL A 120 -1.22 -14.76 17.87
C VAL A 120 -0.01 -15.61 18.00
N VAL A 121 1.14 -14.98 18.19
CA VAL A 121 2.39 -15.66 18.15
C VAL A 121 3.26 -15.32 19.34
N GLU A 122 4.13 -16.26 19.68
CA GLU A 122 5.03 -16.18 20.80
C GLU A 122 6.10 -15.25 20.37
N LYS A 123 6.76 -14.62 21.31
CA LYS A 123 7.75 -13.65 20.95
C LYS A 123 8.85 -14.28 20.17
N GLY A 124 9.27 -15.44 20.55
CA GLY A 124 10.38 -16.00 19.80
C GLY A 124 10.04 -16.31 18.38
N ARG A 125 8.86 -16.85 18.22
CA ARG A 125 8.49 -17.64 17.08
C ARG A 125 8.20 -16.83 15.82
N THR A 126 7.86 -17.53 14.76
CA THR A 126 7.71 -16.93 13.46
C THR A 126 6.28 -17.02 13.01
N ALA A 127 5.81 -15.96 12.38
CA ALA A 127 4.43 -15.88 11.97
C ALA A 127 4.36 -15.72 10.48
N THR A 128 3.40 -16.36 9.87
CA THR A 128 3.16 -16.12 8.48
C THR A 128 1.70 -15.84 8.28
N MET A 129 1.42 -14.75 7.60
CA MET A 129 0.08 -14.32 7.27
C MET A 129 -0.13 -14.72 5.84
N LEU A 130 -1.30 -15.24 5.56
CA LEU A 130 -1.56 -15.90 4.32
C LEU A 130 -2.40 -15.06 3.41
N CYS A 131 -1.99 -14.97 2.16
CA CYS A 131 -2.85 -14.45 1.15
C CYS A 131 -2.80 -15.44 0.03
N ALA A 132 -3.93 -16.00 -0.36
CA ALA A 132 -3.99 -16.74 -1.57
C ALA A 132 -4.97 -16.05 -2.46
N ALA A 133 -4.50 -15.53 -3.56
CA ALA A 133 -5.29 -14.72 -4.45
C ALA A 133 -5.45 -15.36 -5.80
N GLY A 134 -6.44 -14.93 -6.54
CA GLY A 134 -6.68 -15.46 -7.85
C GLY A 134 -6.84 -14.34 -8.83
N GLY A 135 -6.82 -14.68 -10.09
CA GLY A 135 -7.12 -13.74 -11.13
C GLY A 135 -6.45 -14.15 -12.41
N ASN A 136 -6.78 -13.47 -13.49
CA ASN A 136 -6.13 -13.68 -14.74
C ASN A 136 -5.72 -12.37 -15.34
N PRO A 137 -4.43 -12.09 -15.38
CA PRO A 137 -3.33 -12.96 -15.04
C PRO A 137 -3.03 -13.05 -13.56
N ASP A 138 -2.14 -13.93 -13.15
CA ASP A 138 -1.90 -14.05 -11.74
C ASP A 138 -1.45 -12.73 -11.19
N PRO A 139 -2.12 -12.29 -10.13
CA PRO A 139 -1.80 -11.03 -9.50
C PRO A 139 -0.52 -11.09 -8.73
N GLU A 140 0.23 -10.00 -8.70
CA GLU A 140 1.26 -9.81 -7.73
C GLU A 140 0.61 -9.48 -6.40
N ILE A 141 1.27 -9.81 -5.31
CA ILE A 141 0.75 -9.58 -3.98
C ILE A 141 1.68 -8.63 -3.28
N SER A 142 1.11 -7.70 -2.53
CA SER A 142 1.87 -6.89 -1.62
C SER A 142 1.09 -6.76 -0.31
N TRP A 143 1.74 -6.30 0.73
CA TRP A 143 1.17 -6.26 2.05
C TRP A 143 1.24 -4.87 2.62
N PHE A 144 0.21 -4.49 3.36
CA PHE A 144 0.21 -3.27 4.13
C PHE A 144 0.00 -3.60 5.60
N LYS A 145 0.80 -3.02 6.49
CA LYS A 145 0.57 -3.15 7.92
C LYS A 145 0.23 -1.80 8.54
N ASP A 146 -0.96 -1.70 9.11
CA ASP A 146 -1.41 -0.45 9.67
C ASP A 146 -1.33 0.66 8.64
N PHE A 147 -1.72 0.33 7.42
CA PHE A 147 -1.89 1.28 6.34
C PHE A 147 -0.60 1.57 5.62
N LEU A 148 0.49 1.01 6.07
CA LEU A 148 1.78 1.26 5.49
C LEU A 148 2.36 0.07 4.77
N PRO A 149 3.09 0.31 3.70
CA PRO A 149 3.69 -0.78 2.96
C PRO A 149 4.66 -1.54 3.81
N VAL A 150 4.64 -2.84 3.71
CA VAL A 150 5.62 -3.66 4.36
C VAL A 150 6.68 -3.94 3.33
N ASP A 151 7.92 -3.59 3.58
CA ASP A 151 8.97 -3.85 2.60
C ASP A 151 9.90 -4.90 3.12
N PRO A 152 9.80 -6.08 2.56
CA PRO A 152 10.56 -7.22 3.02
C PRO A 152 12.03 -6.99 2.87
N ALA A 153 12.43 -6.40 1.76
CA ALA A 153 13.83 -6.20 1.44
C ALA A 153 14.51 -5.35 2.49
N ALA A 154 13.84 -4.34 2.98
CA ALA A 154 14.43 -3.49 3.99
C ALA A 154 14.70 -4.28 5.24
N SER A 155 13.92 -5.32 5.50
CA SER A 155 14.11 -6.12 6.68
C SER A 155 15.46 -6.75 6.49
N ASN A 156 16.26 -6.85 7.53
CA ASN A 156 17.56 -7.45 7.32
C ASN A 156 17.38 -8.94 7.32
N GLY A 157 16.54 -9.43 6.42
CA GLY A 157 16.29 -10.84 6.21
C GLY A 157 15.21 -11.47 7.06
N ARG A 158 14.72 -10.74 8.04
CA ARG A 158 13.72 -11.25 8.96
C ARG A 158 12.41 -11.56 8.32
N ILE A 159 11.97 -10.67 7.44
CA ILE A 159 10.66 -10.77 6.83
C ILE A 159 10.78 -11.09 5.36
N LYS A 160 10.01 -12.04 4.89
CA LYS A 160 10.11 -12.49 3.53
C LYS A 160 8.75 -12.61 2.94
N GLN A 161 8.59 -12.32 1.66
CA GLN A 161 7.36 -12.68 1.03
C GLN A 161 7.55 -13.85 0.11
N LEU A 162 6.83 -14.91 0.43
CA LEU A 162 6.87 -16.14 -0.27
C LEU A 162 6.18 -16.08 -1.60
N ARG A 163 6.42 -17.07 -2.43
CA ARG A 163 5.77 -17.17 -3.71
C ARG A 163 4.30 -17.55 -3.69
N SER A 164 3.86 -18.15 -2.58
CA SER A 164 2.44 -18.34 -2.30
C SER A 164 1.78 -17.00 -2.14
N GLY A 165 2.57 -16.02 -1.76
CA GLY A 165 2.10 -14.70 -1.42
C GLY A 165 1.98 -14.40 0.06
N ALA A 166 2.17 -15.39 0.89
CA ALA A 166 2.11 -15.18 2.31
C ALA A 166 3.31 -14.40 2.78
N LEU A 167 3.21 -13.77 3.93
CA LEU A 167 4.27 -13.01 4.50
C LEU A 167 4.82 -13.75 5.69
N GLN A 168 6.11 -14.00 5.68
CA GLN A 168 6.71 -14.73 6.76
C GLN A 168 7.53 -13.84 7.66
N ILE A 169 7.13 -13.74 8.91
CA ILE A 169 7.86 -12.93 9.85
C ILE A 169 8.43 -13.78 10.97
N GLU A 170 9.70 -13.60 11.20
CA GLU A 170 10.52 -14.49 11.95
C GLU A 170 10.99 -13.63 13.10
N SER A 171 11.45 -14.21 14.20
CA SER A 171 12.02 -13.42 15.28
C SER A 171 11.04 -12.35 15.61
N SER A 172 9.81 -12.72 15.90
CA SER A 172 8.81 -11.72 16.00
C SER A 172 9.04 -10.81 17.17
N GLU A 173 9.24 -9.54 16.86
CA GLU A 173 9.24 -8.44 17.79
C GLU A 173 7.84 -7.98 18.10
N GLU A 174 7.74 -7.04 19.01
CA GLU A 174 6.52 -6.33 19.33
C GLU A 174 6.10 -5.38 18.22
N SER A 175 7.06 -4.99 17.40
CA SER A 175 6.80 -4.08 16.30
C SER A 175 6.06 -4.78 15.16
N ASP A 176 5.94 -6.09 15.26
CA ASP A 176 5.27 -6.88 14.25
C ASP A 176 3.75 -6.78 14.39
N GLN A 177 3.30 -6.54 15.62
CA GLN A 177 1.87 -6.42 15.89
C GLN A 177 1.23 -5.35 15.02
N GLY A 178 0.05 -5.66 14.47
CA GLY A 178 -0.66 -4.73 13.62
C GLY A 178 -1.59 -5.43 12.65
N LYS A 179 -2.52 -4.66 12.08
CA LYS A 179 -3.48 -5.18 11.13
C LYS A 179 -2.86 -5.24 9.74
N TYR A 180 -2.87 -6.44 9.18
CA TYR A 180 -2.29 -6.72 7.88
C TYR A 180 -3.33 -6.95 6.82
N GLU A 181 -3.16 -6.29 5.69
CA GLU A 181 -3.98 -6.44 4.53
C GLU A 181 -3.13 -7.01 3.38
N CYS A 182 -3.70 -7.86 2.53
CA CYS A 182 -2.97 -8.28 1.33
C CYS A 182 -3.61 -7.70 0.06
N VAL A 183 -2.82 -7.13 -0.85
CA VAL A 183 -3.43 -6.56 -2.00
C VAL A 183 -3.02 -7.43 -3.17
N ALA A 184 -3.96 -7.77 -4.01
CA ALA A 184 -3.69 -8.53 -5.20
C ALA A 184 -3.84 -7.62 -6.38
N THR A 185 -2.81 -7.47 -7.18
CA THR A 185 -2.85 -6.59 -8.35
C THR A 185 -2.48 -7.25 -9.68
N ASN A 186 -3.26 -6.94 -10.69
CA ASN A 186 -3.03 -7.35 -12.06
C ASN A 186 -3.53 -6.28 -12.99
N SER A 187 -3.47 -6.54 -14.28
CA SER A 187 -3.78 -5.55 -15.30
C SER A 187 -5.20 -5.09 -15.25
N ALA A 188 -6.09 -5.93 -14.76
CA ALA A 188 -7.47 -5.56 -14.53
C ALA A 188 -7.72 -4.55 -13.39
N GLY A 189 -7.01 -4.70 -12.29
CA GLY A 189 -7.24 -3.86 -11.15
C GLY A 189 -6.67 -4.44 -9.89
N THR A 190 -7.04 -3.86 -8.76
CA THR A 190 -6.52 -4.18 -7.44
C THR A 190 -7.63 -4.54 -6.44
N ARG A 191 -7.42 -5.56 -5.64
CA ARG A 191 -8.36 -5.96 -4.62
C ARG A 191 -7.67 -6.19 -3.32
N TYR A 192 -8.26 -5.67 -2.24
CA TYR A 192 -7.73 -5.83 -0.90
C TYR A 192 -8.41 -6.96 -0.15
N SER A 193 -7.64 -7.67 0.65
CA SER A 193 -8.17 -8.59 1.61
C SER A 193 -8.71 -7.80 2.79
N ALA A 194 -9.53 -8.43 3.62
CA ALA A 194 -9.90 -7.85 4.88
C ALA A 194 -8.67 -7.85 5.73
N PRO A 195 -8.61 -6.95 6.68
CA PRO A 195 -7.48 -6.88 7.58
C PRO A 195 -7.44 -8.05 8.51
N ALA A 196 -6.26 -8.41 8.96
CA ALA A 196 -6.13 -9.50 9.87
C ALA A 196 -5.17 -9.04 10.91
N ASN A 197 -5.37 -9.49 12.13
CA ASN A 197 -4.63 -8.99 13.26
C ASN A 197 -3.52 -9.92 13.62
N LEU A 198 -2.36 -9.39 13.89
CA LEU A 198 -1.30 -10.18 14.43
C LEU A 198 -0.98 -9.63 15.78
N TYR A 199 -1.07 -10.46 16.80
CA TYR A 199 -0.75 -10.04 18.15
C TYR A 199 0.48 -10.81 18.59
N VAL A 200 1.33 -10.25 19.42
CA VAL A 200 2.49 -11.01 19.87
C VAL A 200 2.48 -11.51 21.33
N ARG A 201 2.44 -12.82 21.50
CA ARG A 201 2.57 -13.49 22.81
C ARG A 201 1.36 -14.31 23.21
S SO4 B . -16.57 13.04 0.37
O1 SO4 B . -16.11 13.89 1.47
O2 SO4 B . -16.88 11.72 0.89
O3 SO4 B . -17.78 13.61 -0.23
O4 SO4 B . -15.53 12.95 -0.64
S SO4 C . -20.07 8.30 -5.91
O1 SO4 C . -21.09 9.30 -6.22
O2 SO4 C . -20.45 7.59 -4.70
O3 SO4 C . -19.94 7.34 -7.01
O4 SO4 C . -18.80 9.00 -5.72
#